data_3N8R
#
_entry.id   3N8R
#
_cell.length_a   49.631
_cell.length_b   67.856
_cell.length_c   75.390
_cell.angle_alpha   90.000
_cell.angle_beta   90.000
_cell.angle_gamma   90.000
#
_symmetry.space_group_name_H-M   'P 21 21 21'
#
loop_
_entity.id
_entity.type
_entity.pdbx_description
1 polymer Beta-lactamase
2 non-polymer 'PHOSPHATE ION'
3 non-polymer '(2R,4S)-2-[(1R)-1-{[(2S)-2-carboxy-2-phenylacetyl]amino}-2-oxoethyl]-5,5-dimethyl-1,3-thiazolidine-4-carboxylic acid'
4 water water
#
_entity_poly.entity_id   1
_entity_poly.type   'polypeptide(L)'
_entity_poly.pdbx_seq_one_letter_code
;DLADRFAELERRYDARLGVYVPATGTTAAIEYRADERFAFCSTFKAPLVAAVLHQNPLTHLDKLITYTSDDIRSISPVAQ
QHVQTGMTIGQLCDAAIRYSDGTAANLLLADLGGPGGGTAAFTGYLRSLGDTVSRLDAEAPELNRDPPGDERDTTTPHAI
ALVLQQLVLGNALPPDKRALLTDWMARNTTGAKRIRAGFPADWKVIDKTGTGDYGRANDIAVVWSPTGVPYVVAVMSDRA
GGGYDAEPREALLAEAATCVAGVLA
;
_entity_poly.pdbx_strand_id   A
#
loop_
_chem_comp.id
_chem_comp.type
_chem_comp.name
_chem_comp.formula
CB9 non-polymer '(2R,4S)-2-[(1R)-1-{[(2S)-2-carboxy-2-phenylacetyl]amino}-2-oxoethyl]-5,5-dimethyl-1,3-thiazolidine-4-carboxylic acid' 'C17 H20 N2 O6 S'
PO4 non-polymer 'PHOSPHATE ION' 'O4 P -3'
#
# COMPACT_ATOMS: atom_id res chain seq x y z
N ASP A 1 -4.40 15.35 -22.87
CA ASP A 1 -5.49 14.73 -22.10
C ASP A 1 -5.02 13.56 -21.23
N LEU A 2 -5.40 13.61 -19.95
CA LEU A 2 -4.95 12.62 -18.97
C LEU A 2 -5.19 11.20 -19.41
N ALA A 3 -6.43 10.86 -19.73
CA ALA A 3 -6.76 9.50 -20.06
C ALA A 3 -6.00 9.02 -21.27
N ASP A 4 -5.78 9.92 -22.23
CA ASP A 4 -4.92 9.61 -23.37
C ASP A 4 -3.47 9.31 -22.96
N ARG A 5 -2.95 10.09 -22.00
CA ARG A 5 -1.60 9.88 -21.49
C ARG A 5 -1.50 8.54 -20.77
N PHE A 6 -2.50 8.22 -19.95
CA PHE A 6 -2.47 6.94 -19.23
C PHE A 6 -2.58 5.76 -20.20
N ALA A 7 -3.45 5.86 -21.20
CA ALA A 7 -3.54 4.84 -22.25
C ALA A 7 -2.21 4.65 -23.00
N GLU A 8 -1.53 5.76 -23.31
CA GLU A 8 -0.22 5.71 -23.95
C GLU A 8 0.79 4.97 -23.07
N LEU A 9 0.76 5.22 -21.75
CA LEU A 9 1.66 4.50 -20.85
C LEU A 9 1.37 3.01 -20.83
N GLU A 10 0.09 2.63 -20.83
CA GLU A 10 -0.24 1.21 -20.93
C GLU A 10 0.38 0.54 -22.16
N ARG A 11 0.31 1.20 -23.30
CA ARG A 11 0.93 0.64 -24.50
C ARG A 11 2.46 0.57 -24.40
N ARG A 12 3.06 1.60 -23.79
CA ARG A 12 4.51 1.67 -23.68
C ARG A 12 5.06 0.53 -22.83
N TYR A 13 4.34 0.21 -21.78
CA TYR A 13 4.84 -0.75 -20.79
C TYR A 13 4.11 -2.09 -20.91
N ASP A 14 3.27 -2.26 -21.94
CA ASP A 14 2.46 -3.47 -22.10
C ASP A 14 1.80 -3.84 -20.77
N ALA A 15 1.06 -2.86 -20.25
CA ALA A 15 0.59 -2.91 -18.88
C ALA A 15 -0.87 -2.50 -18.80
N ARG A 16 -1.45 -2.81 -17.65
CA ARG A 16 -2.74 -2.28 -17.28
C ARG A 16 -2.48 -1.35 -16.09
N LEU A 17 -2.99 -0.12 -16.20
CA LEU A 17 -2.68 0.93 -15.21
C LEU A 17 -3.98 1.40 -14.59
N GLY A 18 -3.95 1.55 -13.27
CA GLY A 18 -5.09 2.13 -12.56
C GLY A 18 -4.65 3.29 -11.71
N VAL A 19 -5.43 4.37 -11.74
CA VAL A 19 -5.08 5.58 -11.04
C VAL A 19 -6.32 6.14 -10.35
N TYR A 20 -6.18 6.55 -9.09
CA TYR A 20 -7.22 7.36 -8.45
C TYR A 20 -6.64 8.43 -7.57
N VAL A 21 -7.17 9.64 -7.72
CA VAL A 21 -6.92 10.75 -6.78
C VAL A 21 -8.29 11.27 -6.40
N PRO A 22 -8.67 11.20 -5.11
CA PRO A 22 -9.98 11.70 -4.69
C PRO A 22 -10.15 13.18 -4.97
N ALA A 23 -11.39 13.60 -5.16
CA ALA A 23 -11.73 15.00 -5.31
C ALA A 23 -11.37 15.79 -4.07
N THR A 24 -11.05 17.06 -4.29
CA THR A 24 -10.75 17.99 -3.21
C THR A 24 -11.64 19.19 -3.35
N GLY A 25 -11.33 20.21 -2.52
CA GLY A 25 -11.91 21.56 -2.64
C GLY A 25 -12.11 22.07 -4.05
N THR A 26 -11.09 21.94 -4.87
CA THR A 26 -11.10 22.60 -6.17
C THR A 26 -10.67 21.69 -7.31
N THR A 27 -10.42 20.42 -7.02
CA THR A 27 -10.07 19.47 -8.09
C THR A 27 -11.06 18.33 -8.14
N ALA A 28 -11.46 17.96 -9.36
CA ALA A 28 -12.25 16.78 -9.58
C ALA A 28 -11.40 15.55 -9.30
N ALA A 29 -12.05 14.45 -8.98
CA ALA A 29 -11.31 13.19 -8.91
C ALA A 29 -10.58 12.90 -10.20
N ILE A 30 -9.40 12.32 -10.09
CA ILE A 30 -8.70 11.78 -11.25
C ILE A 30 -8.92 10.27 -11.18
N GLU A 31 -9.40 9.71 -12.28
CA GLU A 31 -9.73 8.30 -12.28
C GLU A 31 -9.42 7.66 -13.62
N TYR A 32 -8.68 6.55 -13.57
CA TYR A 32 -8.42 5.76 -14.77
C TYR A 32 -8.38 4.31 -14.35
N ARG A 33 -9.30 3.49 -14.88
CA ARG A 33 -9.46 2.13 -14.40
C ARG A 33 -9.57 2.06 -12.88
N ALA A 34 -10.14 3.10 -12.28
CA ALA A 34 -10.07 3.25 -10.84
C ALA A 34 -10.94 2.26 -10.11
N ASP A 35 -11.94 1.70 -10.79
CA ASP A 35 -12.84 0.71 -10.15
C ASP A 35 -12.51 -0.72 -10.57
N GLU A 36 -11.44 -0.88 -11.33
CA GLU A 36 -11.00 -2.24 -11.67
C GLU A 36 -10.18 -2.79 -10.53
N ARG A 37 -10.29 -4.10 -10.31
CA ARG A 37 -9.49 -4.76 -9.27
C ARG A 37 -8.03 -4.95 -9.69
N PHE A 38 -7.12 -4.68 -8.74
CA PHE A 38 -5.69 -4.97 -8.86
C PHE A 38 -5.27 -5.61 -7.56
N ALA A 39 -4.32 -6.53 -7.61
CA ALA A 39 -3.79 -7.11 -6.38
C ALA A 39 -3.29 -6.00 -5.44
N PHE A 40 -3.60 -6.13 -4.16
CA PHE A 40 -2.98 -5.29 -3.12
C PHE A 40 -1.46 -5.35 -3.20
N CYS A 41 -0.95 -6.57 -3.33
CA CYS A 41 0.46 -6.82 -2.95
C CYS A 41 0.73 -6.13 -1.61
N SER A 42 1.90 -5.56 -1.43
CA SER A 42 2.29 -5.13 -0.08
C SER A 42 1.62 -3.84 0.36
N THR A 43 0.81 -3.23 -0.50
CA THR A 43 0.13 -2.01 -0.09
C THR A 43 -0.82 -2.25 1.09
N PHE A 44 -1.22 -3.51 1.31
CA PHE A 44 -2.13 -3.83 2.41
C PHE A 44 -1.48 -3.53 3.75
N LYS A 45 -0.15 -3.44 3.80
CA LYS A 45 0.52 -3.28 5.08
C LYS A 45 0.23 -1.94 5.74
N ALA A 46 -0.12 -0.92 4.95
CA ALA A 46 -0.48 0.37 5.52
C ALA A 46 -1.80 0.30 6.33
N PRO A 47 -2.90 -0.17 5.73
CA PRO A 47 -4.09 -0.38 6.59
C PRO A 47 -3.92 -1.48 7.64
N LEU A 48 -3.03 -2.44 7.41
CA LEU A 48 -2.76 -3.45 8.45
C LEU A 48 -2.20 -2.81 9.71
N VAL A 49 -1.21 -1.94 9.54
CA VAL A 49 -0.61 -1.26 10.68
C VAL A 49 -1.69 -0.39 11.36
N ALA A 50 -2.52 0.28 10.57
CA ALA A 50 -3.62 1.04 11.14
C ALA A 50 -4.55 0.16 11.96
N ALA A 51 -4.90 -1.02 11.45
CA ALA A 51 -5.77 -1.91 12.20
C ALA A 51 -5.15 -2.31 13.53
N VAL A 52 -3.87 -2.67 13.52
CA VAL A 52 -3.20 -3.09 14.75
C VAL A 52 -3.08 -1.93 15.72
N LEU A 53 -2.74 -0.73 15.22
CA LEU A 53 -2.72 0.42 16.11
C LEU A 53 -4.10 0.68 16.71
N HIS A 54 -5.12 0.64 15.86
CA HIS A 54 -6.47 0.93 16.31
C HIS A 54 -6.97 -0.07 17.38
N GLN A 55 -6.62 -1.34 17.19
CA GLN A 55 -7.12 -2.41 18.03
C GLN A 55 -6.56 -2.43 19.46
N ASN A 56 -5.43 -1.75 19.71
CA ASN A 56 -4.68 -1.93 20.95
C ASN A 56 -4.28 -0.61 21.58
N PRO A 57 -4.04 -0.61 22.91
CA PRO A 57 -3.41 0.56 23.50
C PRO A 57 -2.04 0.80 22.84
N LEU A 58 -1.58 2.04 22.90
CA LEU A 58 -0.35 2.43 22.26
C LEU A 58 0.82 1.65 22.79
N THR A 59 0.76 1.28 24.06
CA THR A 59 1.91 0.59 24.64
C THR A 59 2.00 -0.90 24.21
N HIS A 60 1.01 -1.39 23.47
CA HIS A 60 1.13 -2.67 22.77
C HIS A 60 2.32 -2.62 21.80
N LEU A 61 2.74 -1.42 21.37
CA LEU A 61 3.93 -1.29 20.52
C LEU A 61 5.17 -1.90 21.16
N ASP A 62 5.16 -2.04 22.48
CA ASP A 62 6.34 -2.46 23.22
C ASP A 62 6.32 -3.95 23.52
N LYS A 63 5.29 -4.65 23.07
CA LYS A 63 5.20 -6.09 23.27
C LYS A 63 6.16 -6.84 22.35
N LEU A 64 6.94 -7.75 22.91
CA LEU A 64 7.90 -8.54 22.14
C LEU A 64 7.24 -9.76 21.52
N ILE A 65 7.39 -9.88 20.21
CA ILE A 65 6.87 -11.02 19.47
C ILE A 65 8.02 -11.93 19.09
N THR A 66 7.88 -13.22 19.40
CA THR A 66 8.89 -14.20 19.01
C THR A 66 8.46 -14.99 17.77
N TYR A 67 9.42 -15.41 17.00
CA TYR A 67 9.15 -16.16 15.77
C TYR A 67 10.36 -17.07 15.50
N THR A 68 10.21 -17.90 14.46
CA THR A 68 11.24 -18.92 14.19
C THR A 68 11.69 -19.01 12.70
N SER A 69 12.57 -19.96 12.37
CA SER A 69 13.07 -20.12 11.03
C SER A 69 11.98 -20.33 10.00
N ASP A 70 10.98 -21.11 10.35
CA ASP A 70 9.92 -21.44 9.39
C ASP A 70 8.92 -20.29 9.17
N ASP A 71 9.11 -19.18 9.86
CA ASP A 71 8.30 -17.97 9.65
C ASP A 71 8.86 -17.11 8.53
N ILE A 72 10.11 -17.34 8.12
CA ILE A 72 10.69 -16.49 7.07
C ILE A 72 10.43 -17.11 5.70
N ARG A 73 9.41 -16.62 5.02
CA ARG A 73 8.84 -17.25 3.83
C ARG A 73 8.69 -16.23 2.67
N SER A 74 9.25 -15.04 2.84
CA SER A 74 9.07 -13.92 1.91
C SER A 74 10.18 -12.89 2.16
N ILE A 75 10.36 -11.92 1.27
CA ILE A 75 11.36 -10.87 1.44
C ILE A 75 11.10 -10.20 2.80
N SER A 76 12.11 -10.23 3.67
CA SER A 76 12.00 -9.80 5.08
C SER A 76 13.31 -9.19 5.55
N PRO A 77 13.67 -8.00 5.05
CA PRO A 77 15.00 -7.47 5.26
C PRO A 77 15.36 -7.25 6.73
N VAL A 78 14.35 -6.91 7.53
CA VAL A 78 14.56 -6.69 8.95
C VAL A 78 14.33 -7.98 9.76
N ALA A 79 13.20 -8.64 9.56
CA ALA A 79 12.86 -9.77 10.44
C ALA A 79 13.84 -10.92 10.31
N GLN A 80 14.41 -11.11 9.13
CA GLN A 80 15.35 -12.22 8.97
C GLN A 80 16.52 -12.07 9.96
N GLN A 81 16.86 -10.83 10.33
CA GLN A 81 17.92 -10.57 11.30
C GLN A 81 17.57 -10.71 12.79
N HIS A 82 16.30 -10.93 13.14
CA HIS A 82 15.88 -10.88 14.55
C HIS A 82 15.14 -12.12 15.06
N VAL A 83 15.33 -13.27 14.39
CA VAL A 83 14.65 -14.50 14.86
C VAL A 83 15.02 -14.88 16.30
N GLN A 84 16.26 -14.71 16.70
CA GLN A 84 16.61 -15.06 18.07
C GLN A 84 16.05 -14.10 19.09
N THR A 85 16.13 -12.80 18.77
CA THR A 85 15.74 -11.78 19.75
C THR A 85 14.25 -11.53 19.78
N GLY A 86 13.57 -11.82 18.67
CA GLY A 86 12.22 -11.34 18.45
C GLY A 86 12.17 -9.87 18.03
N MET A 87 10.96 -9.39 17.78
CA MET A 87 10.76 -7.98 17.42
C MET A 87 9.55 -7.49 18.18
N THR A 88 9.58 -6.24 18.63
CA THR A 88 8.40 -5.69 19.27
C THR A 88 7.35 -5.36 18.19
N ILE A 89 6.10 -5.20 18.61
CA ILE A 89 5.04 -4.82 17.67
C ILE A 89 5.40 -3.52 16.94
N GLY A 90 6.00 -2.55 17.63
CA GLY A 90 6.40 -1.30 16.99
C GLY A 90 7.48 -1.53 15.95
N GLN A 91 8.46 -2.38 16.27
CA GLN A 91 9.48 -2.72 15.27
C GLN A 91 8.86 -3.44 14.08
N LEU A 92 7.87 -4.29 14.32
CA LEU A 92 7.18 -4.98 13.21
C LEU A 92 6.43 -4.01 12.31
N CYS A 93 5.75 -3.04 12.92
CA CYS A 93 5.04 -2.02 12.13
C CYS A 93 6.03 -1.22 11.27
N ASP A 94 7.14 -0.81 11.88
CA ASP A 94 8.17 -0.02 11.22
C ASP A 94 8.69 -0.81 10.02
N ALA A 95 9.10 -2.06 10.26
CA ALA A 95 9.64 -2.90 9.18
C ALA A 95 8.61 -3.18 8.08
N ALA A 96 7.36 -3.43 8.47
CA ALA A 96 6.31 -3.72 7.48
C ALA A 96 6.10 -2.53 6.54
N ILE A 97 6.10 -1.33 7.10
CA ILE A 97 5.90 -0.16 6.26
C ILE A 97 7.16 0.27 5.52
N ARG A 98 8.26 0.44 6.24
CA ARG A 98 9.44 1.08 5.67
C ARG A 98 10.32 0.18 4.83
N TYR A 99 10.31 -1.12 5.11
CA TYR A 99 11.12 -2.06 4.34
C TYR A 99 10.26 -3.10 3.67
N SER A 100 8.94 -2.95 3.75
CA SER A 100 7.97 -3.92 3.24
C SER A 100 8.34 -5.32 3.65
N ASP A 101 8.59 -5.48 4.95
CA ASP A 101 9.02 -6.75 5.47
C ASP A 101 7.84 -7.73 5.53
N GLY A 102 7.96 -8.84 4.80
CA GLY A 102 6.84 -9.76 4.64
C GLY A 102 6.56 -10.58 5.87
N THR A 103 7.62 -10.99 6.57
CA THR A 103 7.44 -11.71 7.81
C THR A 103 6.80 -10.79 8.84
N ALA A 104 7.26 -9.55 8.90
CA ALA A 104 6.69 -8.62 9.86
C ALA A 104 5.18 -8.48 9.64
N ALA A 105 4.76 -8.34 8.38
CA ALA A 105 3.33 -8.18 8.07
C ALA A 105 2.56 -9.45 8.41
N ASN A 106 3.15 -10.63 8.14
CA ASN A 106 2.51 -11.89 8.53
C ASN A 106 2.33 -11.98 10.04
N LEU A 107 3.33 -11.52 10.80
CA LEU A 107 3.23 -11.55 12.25
C LEU A 107 2.19 -10.56 12.76
N LEU A 108 2.08 -9.41 12.10
CA LEU A 108 1.03 -8.45 12.45
C LEU A 108 -0.38 -8.97 12.15
N LEU A 109 -0.53 -9.70 11.05
CA LEU A 109 -1.82 -10.34 10.76
C LEU A 109 -2.17 -11.31 11.89
N ALA A 110 -1.20 -12.11 12.32
CA ALA A 110 -1.42 -13.04 13.43
C ALA A 110 -1.74 -12.31 14.72
N ASP A 111 -1.15 -11.13 14.91
CA ASP A 111 -1.47 -10.34 16.12
C ASP A 111 -2.91 -9.87 16.07
N LEU A 112 -3.37 -9.45 14.91
CA LEU A 112 -4.75 -9.00 14.74
C LEU A 112 -5.68 -10.19 15.02
N GLY A 113 -5.31 -11.36 14.50
CA GLY A 113 -5.88 -12.62 14.92
C GLY A 113 -7.16 -12.97 14.21
N GLY A 114 -7.78 -14.04 14.68
CA GLY A 114 -9.03 -14.54 14.10
C GLY A 114 -8.80 -15.39 12.87
N PRO A 115 -9.89 -15.79 12.19
CA PRO A 115 -9.81 -16.70 11.04
C PRO A 115 -8.92 -16.24 9.91
N GLY A 116 -8.40 -17.21 9.17
CA GLY A 116 -7.54 -16.89 8.05
C GLY A 116 -6.25 -16.21 8.45
N GLY A 117 -5.72 -16.55 9.63
CA GLY A 117 -4.48 -15.97 10.12
C GLY A 117 -4.49 -14.46 10.27
N GLY A 118 -5.68 -13.89 10.46
CA GLY A 118 -5.83 -12.44 10.59
C GLY A 118 -6.37 -11.77 9.33
N THR A 119 -6.43 -12.50 8.23
CA THR A 119 -6.88 -11.87 6.98
C THR A 119 -8.36 -11.48 7.02
N ALA A 120 -9.20 -12.27 7.72
CA ALA A 120 -10.60 -11.91 7.87
C ALA A 120 -10.74 -10.64 8.71
N ALA A 121 -9.99 -10.52 9.80
CA ALA A 121 -10.07 -9.32 10.64
C ALA A 121 -9.53 -8.11 9.89
N PHE A 122 -8.52 -8.33 9.05
CA PHE A 122 -8.00 -7.21 8.23
C PHE A 122 -9.10 -6.71 7.31
N THR A 123 -9.78 -7.63 6.64
CA THR A 123 -10.83 -7.26 5.72
C THR A 123 -11.97 -6.57 6.50
N GLY A 124 -12.28 -7.07 7.70
CA GLY A 124 -13.28 -6.42 8.53
C GLY A 124 -12.93 -5.00 8.92
N TYR A 125 -11.63 -4.74 9.12
CA TYR A 125 -11.19 -3.39 9.42
C TYR A 125 -11.51 -2.48 8.23
N LEU A 126 -11.22 -2.96 7.02
CA LEU A 126 -11.56 -2.18 5.83
C LEU A 126 -13.07 -1.95 5.70
N ARG A 127 -13.86 -2.97 6.03
CA ARG A 127 -15.30 -2.78 5.98
C ARG A 127 -15.75 -1.69 6.94
N SER A 128 -15.06 -1.58 8.09
CA SER A 128 -15.42 -0.57 9.10
C SER A 128 -15.16 0.84 8.59
N LEU A 129 -14.29 0.97 7.57
CA LEU A 129 -13.99 2.22 6.94
C LEU A 129 -14.83 2.43 5.68
N GLY A 130 -15.87 1.61 5.48
CA GLY A 130 -16.77 1.77 4.35
C GLY A 130 -16.29 1.16 3.04
N ASP A 131 -15.18 0.42 3.09
CA ASP A 131 -14.66 -0.25 1.91
C ASP A 131 -15.31 -1.62 1.78
N THR A 132 -16.27 -1.72 0.87
CA THR A 132 -16.99 -2.96 0.60
C THR A 132 -16.44 -3.70 -0.60
N VAL A 133 -15.29 -3.23 -1.09
CA VAL A 133 -14.70 -3.79 -2.32
C VAL A 133 -13.51 -4.71 -2.03
N SER A 134 -12.56 -4.22 -1.22
CA SER A 134 -11.28 -4.89 -1.05
C SER A 134 -11.43 -6.20 -0.31
N ARG A 135 -10.49 -7.10 -0.53
CA ARG A 135 -10.49 -8.35 0.25
C ARG A 135 -9.08 -8.89 0.36
N LEU A 136 -8.75 -9.40 1.54
CA LEU A 136 -7.48 -10.10 1.74
C LEU A 136 -7.77 -11.53 2.12
N ASP A 137 -7.15 -12.45 1.40
CA ASP A 137 -7.47 -13.87 1.51
C ASP A 137 -6.29 -14.72 1.93
N ALA A 138 -5.08 -14.20 1.78
CA ALA A 138 -3.86 -14.98 1.99
C ALA A 138 -2.83 -14.05 2.62
N GLU A 139 -1.79 -14.64 3.22
CA GLU A 139 -0.68 -13.82 3.68
C GLU A 139 0.50 -14.01 2.73
N ALA A 140 1.67 -13.53 3.09
CA ALA A 140 2.83 -13.75 2.22
C ALA A 140 3.35 -15.20 2.35
N PRO A 141 3.83 -15.79 1.24
CA PRO A 141 3.98 -15.19 -0.09
C PRO A 141 2.78 -15.30 -1.01
N GLU A 142 1.75 -16.03 -0.58
CA GLU A 142 0.67 -16.37 -1.49
C GLU A 142 -0.08 -15.16 -2.07
N LEU A 143 -0.20 -14.07 -1.30
CA LEU A 143 -1.08 -12.98 -1.69
C LEU A 143 -0.67 -12.26 -2.95
N ASN A 144 0.58 -12.40 -3.37
CA ASN A 144 1.08 -11.70 -4.58
C ASN A 144 0.95 -12.50 -5.86
N ARG A 145 0.43 -13.72 -5.73
CA ARG A 145 0.47 -14.74 -6.79
C ARG A 145 -0.83 -15.08 -7.49
N ASP A 146 -1.92 -14.42 -7.12
CA ASP A 146 -3.20 -14.84 -7.73
C ASP A 146 -3.17 -14.52 -9.23
N PRO A 147 -3.81 -15.37 -10.05
CA PRO A 147 -3.80 -15.11 -11.48
C PRO A 147 -4.41 -13.74 -11.79
N PRO A 148 -3.94 -13.09 -12.87
CA PRO A 148 -4.60 -11.90 -13.33
C PRO A 148 -6.10 -12.11 -13.49
N GLY A 149 -6.87 -11.15 -12.98
CA GLY A 149 -8.34 -11.22 -12.99
C GLY A 149 -8.99 -11.85 -11.76
N ASP A 150 -8.26 -12.71 -11.07
CA ASP A 150 -8.77 -13.33 -9.84
C ASP A 150 -9.08 -12.23 -8.83
N GLU A 151 -10.18 -12.38 -8.10
CA GLU A 151 -10.56 -11.35 -7.13
C GLU A 151 -9.93 -11.53 -5.75
N ARG A 152 -9.31 -12.68 -5.49
CA ARG A 152 -8.62 -12.82 -4.19
C ARG A 152 -7.52 -11.79 -4.04
N ASP A 153 -7.38 -11.28 -2.81
CA ASP A 153 -6.26 -10.40 -2.46
C ASP A 153 -6.24 -9.11 -3.28
N THR A 154 -7.42 -8.60 -3.63
CA THR A 154 -7.50 -7.40 -4.45
C THR A 154 -8.11 -6.21 -3.76
N THR A 155 -7.74 -5.04 -4.28
CA THR A 155 -8.41 -3.79 -3.97
C THR A 155 -8.64 -3.09 -5.31
N THR A 156 -9.03 -1.83 -5.27
CA THR A 156 -9.09 -1.02 -6.47
C THR A 156 -8.41 0.31 -6.15
N PRO A 157 -7.95 1.04 -7.17
CA PRO A 157 -7.33 2.34 -6.85
C PRO A 157 -8.28 3.25 -6.07
N HIS A 158 -9.55 3.25 -6.47
CA HIS A 158 -10.58 4.02 -5.77
C HIS A 158 -10.74 3.60 -4.32
N ALA A 159 -10.88 2.30 -4.07
CA ALA A 159 -11.10 1.84 -2.70
C ALA A 159 -9.94 2.13 -1.79
N ILE A 160 -8.73 1.79 -2.23
CA ILE A 160 -7.56 1.97 -1.38
C ILE A 160 -7.24 3.46 -1.16
N ALA A 161 -7.52 4.30 -2.15
CA ALA A 161 -7.35 5.74 -1.95
C ALA A 161 -8.27 6.27 -0.86
N LEU A 162 -9.52 5.82 -0.85
CA LEU A 162 -10.46 6.33 0.14
C LEU A 162 -10.11 5.83 1.52
N VAL A 163 -9.60 4.59 1.60
CA VAL A 163 -9.12 4.05 2.87
C VAL A 163 -7.93 4.89 3.37
N LEU A 164 -6.93 5.11 2.51
CA LEU A 164 -5.76 5.85 2.92
C LEU A 164 -6.11 7.26 3.33
N GLN A 165 -7.05 7.87 2.60
CA GLN A 165 -7.51 9.20 2.95
C GLN A 165 -8.04 9.24 4.39
N GLN A 166 -8.88 8.28 4.75
CA GLN A 166 -9.41 8.25 6.10
C GLN A 166 -8.33 8.05 7.15
N LEU A 167 -7.35 7.20 6.84
CA LEU A 167 -6.30 6.86 7.79
C LEU A 167 -5.36 8.01 8.08
N VAL A 168 -4.95 8.73 7.02
CA VAL A 168 -3.93 9.79 7.14
C VAL A 168 -4.56 11.17 7.29
N LEU A 169 -5.61 11.46 6.53
CA LEU A 169 -6.16 12.81 6.52
C LEU A 169 -7.40 12.92 7.40
N GLY A 170 -8.18 11.84 7.50
CA GLY A 170 -9.44 11.83 8.23
C GLY A 170 -9.29 11.32 9.65
N ASN A 171 -10.38 10.82 10.22
CA ASN A 171 -10.43 10.57 11.67
C ASN A 171 -10.54 9.10 12.03
N ALA A 172 -10.08 8.23 11.13
CA ALA A 172 -10.12 6.80 11.40
C ALA A 172 -9.31 6.42 12.63
N LEU A 173 -8.19 7.12 12.82
CA LEU A 173 -7.34 6.87 13.97
C LEU A 173 -7.30 8.09 14.83
N PRO A 174 -7.09 7.90 16.14
CA PRO A 174 -6.80 9.01 17.01
C PRO A 174 -5.49 9.68 16.59
N PRO A 175 -5.32 10.96 16.91
CA PRO A 175 -4.16 11.71 16.42
C PRO A 175 -2.80 11.05 16.71
N ASP A 176 -2.62 10.45 17.89
CA ASP A 176 -1.33 9.84 18.19
C ASP A 176 -1.01 8.63 17.31
N LYS A 177 -2.02 7.79 17.07
CA LYS A 177 -1.83 6.64 16.21
C LYS A 177 -1.71 7.05 14.74
N ARG A 178 -2.47 8.08 14.35
CA ARG A 178 -2.40 8.63 13.00
C ARG A 178 -0.99 9.13 12.72
N ALA A 179 -0.38 9.79 13.70
CA ALA A 179 0.98 10.30 13.55
C ALA A 179 1.99 9.17 13.39
N LEU A 180 1.84 8.08 14.14
CA LEU A 180 2.74 6.92 13.98
C LEU A 180 2.67 6.38 12.57
N LEU A 181 1.47 6.15 12.06
CA LEU A 181 1.33 5.62 10.69
C LEU A 181 1.92 6.58 9.67
N THR A 182 1.56 7.85 9.79
CA THR A 182 2.02 8.87 8.86
C THR A 182 3.54 8.95 8.82
N ASP A 183 4.18 8.95 9.99
CA ASP A 183 5.64 9.03 10.05
C ASP A 183 6.34 7.81 9.48
N TRP A 184 5.78 6.62 9.71
CA TRP A 184 6.38 5.42 9.10
C TRP A 184 6.30 5.54 7.57
N MET A 185 5.16 5.94 7.03
CA MET A 185 5.06 6.10 5.58
C MET A 185 5.97 7.21 5.08
N ALA A 186 6.16 8.25 5.89
CA ALA A 186 7.03 9.36 5.48
C ALA A 186 8.47 8.92 5.36
N ARG A 187 8.84 7.92 6.15
CA ARG A 187 10.21 7.41 6.22
C ARG A 187 10.35 6.12 5.41
N ASN A 188 9.40 5.87 4.52
CA ASN A 188 9.49 4.68 3.69
C ASN A 188 10.78 4.67 2.86
N THR A 189 11.42 3.51 2.75
CA THR A 189 12.66 3.39 1.98
C THR A 189 12.48 2.80 0.59
N THR A 190 11.27 2.35 0.24
CA THR A 190 11.11 1.56 -0.97
C THR A 190 10.45 2.30 -2.13
N GLY A 191 10.17 3.60 -1.97
CA GLY A 191 9.27 4.29 -2.89
C GLY A 191 9.89 5.34 -3.77
N ALA A 192 11.22 5.43 -3.77
CA ALA A 192 11.89 6.55 -4.42
C ALA A 192 11.67 6.63 -5.92
N LYS A 193 11.37 5.49 -6.55
CA LYS A 193 11.27 5.46 -8.02
C LYS A 193 9.82 5.37 -8.47
N ARG A 194 8.88 5.62 -7.56
CA ARG A 194 7.46 5.52 -7.89
C ARG A 194 6.78 6.88 -7.77
N ILE A 195 5.73 7.02 -6.95
CA ILE A 195 5.04 8.32 -6.87
C ILE A 195 5.98 9.47 -6.53
N ARG A 196 6.93 9.23 -5.62
CA ARG A 196 7.91 10.25 -5.23
C ARG A 196 8.65 10.81 -6.43
N ALA A 197 8.96 9.94 -7.40
CA ALA A 197 9.72 10.36 -8.56
C ALA A 197 8.92 11.30 -9.46
N GLY A 198 7.60 11.31 -9.35
CA GLY A 198 6.78 12.13 -10.21
C GLY A 198 6.40 13.49 -9.64
N PHE A 199 6.69 13.72 -8.36
CA PHE A 199 6.35 14.98 -7.70
C PHE A 199 7.60 15.82 -7.44
N PRO A 200 7.51 17.15 -7.67
CA PRO A 200 8.66 18.01 -7.42
C PRO A 200 9.12 17.89 -5.97
N ALA A 201 10.41 18.17 -5.73
CA ALA A 201 11.02 18.02 -4.42
C ALA A 201 10.37 18.82 -3.28
N ASP A 202 9.75 19.94 -3.63
CA ASP A 202 9.09 20.76 -2.61
C ASP A 202 7.67 20.29 -2.21
N TRP A 203 7.23 19.18 -2.82
CA TRP A 203 6.03 18.47 -2.36
C TRP A 203 6.47 17.38 -1.40
N LYS A 204 5.77 17.25 -0.29
CA LYS A 204 6.00 16.15 0.65
C LYS A 204 5.30 14.91 0.16
N VAL A 205 5.96 13.77 0.27
CA VAL A 205 5.36 12.50 -0.17
C VAL A 205 5.53 11.45 0.91
N ILE A 206 4.43 10.79 1.30
CA ILE A 206 4.52 9.60 2.17
C ILE A 206 3.90 8.46 1.36
N ASP A 207 4.38 7.23 1.48
CA ASP A 207 3.84 6.21 0.59
C ASP A 207 4.05 4.80 1.13
N LYS A 208 3.35 3.87 0.48
CA LYS A 208 3.57 2.43 0.70
C LYS A 208 3.48 1.74 -0.66
N THR A 209 4.54 1.01 -1.00
CA THR A 209 4.63 0.34 -2.30
C THR A 209 4.12 -1.11 -2.23
N GLY A 210 3.93 -1.71 -3.39
CA GLY A 210 3.77 -3.15 -3.45
C GLY A 210 4.28 -3.64 -4.77
N THR A 211 4.78 -4.87 -4.81
CA THR A 211 5.27 -5.46 -6.04
C THR A 211 4.90 -6.94 -5.99
N GLY A 212 4.54 -7.51 -7.13
CA GLY A 212 4.11 -8.91 -7.18
C GLY A 212 4.40 -9.57 -8.49
N ASP A 213 3.86 -10.78 -8.65
CA ASP A 213 4.03 -11.53 -9.89
C ASP A 213 3.18 -10.93 -10.99
N TYR A 214 3.32 -11.42 -12.21
CA TYR A 214 2.58 -10.86 -13.35
C TYR A 214 2.86 -9.38 -13.50
N GLY A 215 4.08 -8.97 -13.18
CA GLY A 215 4.50 -7.58 -13.40
C GLY A 215 3.79 -6.56 -12.54
N ARG A 216 3.35 -6.96 -11.36
CA ARG A 216 2.58 -6.08 -10.48
C ARG A 216 3.47 -5.04 -9.83
N ALA A 217 3.07 -3.77 -9.95
CA ALA A 217 3.75 -2.69 -9.24
C ALA A 217 2.72 -1.65 -8.86
N ASN A 218 2.67 -1.38 -7.55
CA ASN A 218 1.73 -0.43 -6.98
C ASN A 218 2.42 0.59 -6.10
N ASP A 219 1.77 1.73 -5.88
CA ASP A 219 2.19 2.68 -4.87
C ASP A 219 0.97 3.45 -4.43
N ILE A 220 0.81 3.61 -3.11
CA ILE A 220 -0.25 4.48 -2.56
C ILE A 220 0.43 5.56 -1.72
N ALA A 221 -0.01 6.80 -1.88
CA ALA A 221 0.68 7.92 -1.25
C ALA A 221 -0.29 8.96 -0.77
N VAL A 222 0.17 9.75 0.20
CA VAL A 222 -0.43 11.05 0.43
C VAL A 222 0.67 12.07 0.16
N VAL A 223 0.31 13.09 -0.61
CA VAL A 223 1.28 14.14 -0.96
C VAL A 223 0.74 15.45 -0.46
N TRP A 224 1.65 16.38 -0.15
CA TRP A 224 1.27 17.74 0.23
C TRP A 224 1.99 18.71 -0.66
N SER A 225 1.24 19.68 -1.15
CA SER A 225 1.80 20.75 -1.94
C SER A 225 2.70 21.65 -1.09
N PRO A 226 3.47 22.51 -1.75
CA PRO A 226 4.35 23.38 -0.96
C PRO A 226 3.59 24.33 -0.01
N THR A 227 2.30 24.50 -0.20
CA THR A 227 1.49 25.27 0.74
C THR A 227 0.61 24.40 1.64
N GLY A 228 0.90 23.10 1.69
CA GLY A 228 0.23 22.21 2.65
C GLY A 228 -1.14 21.71 2.25
N VAL A 229 -1.46 21.71 0.96
CA VAL A 229 -2.71 21.12 0.49
C VAL A 229 -2.48 19.66 0.15
N PRO A 230 -3.22 18.74 0.80
CA PRO A 230 -2.97 17.29 0.60
C PRO A 230 -3.81 16.67 -0.50
N TYR A 231 -3.24 15.67 -1.15
CA TYR A 231 -3.95 14.86 -2.13
C TYR A 231 -3.57 13.42 -1.87
N VAL A 232 -4.48 12.51 -2.12
CA VAL A 232 -4.19 11.08 -2.01
C VAL A 232 -4.02 10.52 -3.41
N VAL A 233 -2.96 9.74 -3.62
CA VAL A 233 -2.65 9.24 -4.97
C VAL A 233 -2.49 7.73 -4.89
N ALA A 234 -3.33 6.99 -5.63
CA ALA A 234 -3.17 5.53 -5.72
C ALA A 234 -2.88 5.16 -7.17
N VAL A 235 -1.79 4.42 -7.38
CA VAL A 235 -1.40 3.99 -8.72
C VAL A 235 -1.10 2.50 -8.65
N MET A 236 -1.76 1.73 -9.52
CA MET A 236 -1.65 0.28 -9.52
C MET A 236 -1.39 -0.20 -10.92
N SER A 237 -0.64 -1.29 -11.07
CA SER A 237 -0.34 -1.78 -12.42
C SER A 237 -0.05 -3.27 -12.44
N ASP A 238 -0.34 -3.91 -13.56
CA ASP A 238 0.12 -5.29 -13.82
C ASP A 238 0.39 -5.49 -15.29
N ARG A 239 1.01 -6.61 -15.62
CA ARG A 239 1.49 -6.87 -16.97
C ARG A 239 1.20 -8.34 -17.31
N ALA A 240 -0.08 -8.70 -17.39
CA ALA A 240 -0.49 -10.09 -17.59
C ALA A 240 0.11 -10.69 -18.85
N GLY A 241 0.34 -9.84 -19.85
CA GLY A 241 0.91 -10.29 -21.11
C GLY A 241 2.29 -10.90 -21.01
N GLY A 242 2.99 -10.63 -19.92
CA GLY A 242 4.31 -11.24 -19.73
C GLY A 242 4.26 -12.49 -18.88
N GLY A 243 3.06 -12.93 -18.48
CA GLY A 243 2.96 -14.11 -17.63
C GLY A 243 3.48 -13.90 -16.19
N TYR A 244 3.67 -15.00 -15.48
CA TYR A 244 3.96 -14.94 -14.04
C TYR A 244 5.24 -14.19 -13.75
N ASP A 245 6.21 -14.35 -14.63
CA ASP A 245 7.54 -13.75 -14.43
C ASP A 245 7.67 -12.37 -15.10
N ALA A 246 6.57 -11.78 -15.58
CA ALA A 246 6.65 -10.42 -16.14
C ALA A 246 7.33 -9.48 -15.16
N GLU A 247 8.28 -8.70 -15.64
CA GLU A 247 8.98 -7.73 -14.78
C GLU A 247 8.07 -6.58 -14.35
N PRO A 248 8.04 -6.27 -13.05
CA PRO A 248 7.35 -5.05 -12.66
C PRO A 248 8.09 -3.86 -13.24
N ARG A 249 7.36 -2.80 -13.59
CA ARG A 249 7.99 -1.62 -14.18
C ARG A 249 7.69 -0.39 -13.34
N GLU A 250 8.65 0.01 -12.52
CA GLU A 250 8.46 1.20 -11.66
C GLU A 250 8.29 2.47 -12.45
N ALA A 251 8.95 2.54 -13.60
CA ALA A 251 8.91 3.73 -14.42
C ALA A 251 7.50 4.06 -14.89
N LEU A 252 6.66 3.05 -15.05
CA LEU A 252 5.27 3.28 -15.41
C LEU A 252 4.58 4.13 -14.31
N LEU A 253 4.87 3.80 -13.04
CA LEU A 253 4.26 4.51 -11.92
C LEU A 253 4.83 5.91 -11.78
N ALA A 254 6.13 6.05 -12.02
CA ALA A 254 6.77 7.38 -11.97
C ALA A 254 6.18 8.30 -13.03
N GLU A 255 6.02 7.78 -14.26
CA GLU A 255 5.42 8.56 -15.34
C GLU A 255 3.94 8.87 -15.06
N ALA A 256 3.19 7.89 -14.56
CA ALA A 256 1.79 8.18 -14.22
C ALA A 256 1.71 9.28 -13.15
N ALA A 257 2.55 9.19 -12.13
CA ALA A 257 2.60 10.20 -11.06
C ALA A 257 3.03 11.58 -11.58
N THR A 258 3.93 11.59 -12.55
CA THR A 258 4.40 12.87 -13.12
C THR A 258 3.21 13.54 -13.81
N CYS A 259 2.41 12.73 -14.50
CA CYS A 259 1.22 13.26 -15.15
C CYS A 259 0.20 13.80 -14.14
N VAL A 260 -0.04 13.04 -13.06
CA VAL A 260 -0.90 13.53 -12.00
C VAL A 260 -0.37 14.84 -11.37
N ALA A 261 0.92 14.88 -11.04
CA ALA A 261 1.54 16.06 -10.45
C ALA A 261 1.41 17.29 -11.35
N GLY A 262 1.54 17.09 -12.65
CA GLY A 262 1.38 18.15 -13.62
C GLY A 262 0.00 18.78 -13.54
N VAL A 263 -1.01 17.96 -13.30
CA VAL A 263 -2.39 18.44 -13.18
C VAL A 263 -2.64 19.12 -11.81
N LEU A 264 -2.02 18.60 -10.77
CA LEU A 264 -2.20 19.13 -9.42
C LEU A 264 -1.39 20.39 -9.12
N ALA A 265 -0.34 20.63 -9.90
CA ALA A 265 0.55 21.80 -9.73
C ALA A 265 -0.13 23.15 -9.95
P PO4 B . 7.04 -14.63 -5.56
O1 PO4 B . 7.50 -14.69 -7.01
O2 PO4 B . 5.52 -14.76 -5.55
O3 PO4 B . 7.72 -15.77 -4.81
O4 PO4 B . 7.38 -13.29 -4.94
C CB9 C . 4.97 -6.59 -1.25
N CB9 C . 6.35 -8.12 -2.44
O CB9 C . 4.48 -6.19 -2.29
CA CB9 C . 6.18 -7.46 -1.15
CB CB9 C . 7.33 -6.49 -0.72
CAA CB9 C . 9.72 -5.43 -3.71
CAB CB9 C . 10.03 -4.21 -1.55
OAD CB9 C . 7.63 -2.76 -3.77
OAF CB9 C . 7.52 -9.85 -1.54
OAG CB9 C . 7.32 -2.56 -1.58
CAJ CB9 C . 10.76 -8.60 -5.98
CAK CB9 C . 10.84 -9.20 -4.72
CAL CB9 C . 9.51 -8.41 -6.56
CAM CB9 C . 9.68 -9.59 -4.06
CAN CB9 C . 8.35 -8.80 -5.88
NAP CB9 C . 6.98 -5.12 -1.19
SAQ CB9 C . 8.99 -6.84 -1.39
CAR CB9 C . 7.51 -3.24 -2.61
CAT CB9 C . 7.04 -9.24 -2.51
CAU CB9 C . 8.41 -9.38 -4.63
CAX CB9 C . 7.67 -4.76 -2.44
CAY CB9 C . 7.13 -9.82 -3.91
CAZ CB9 C . 9.15 -5.23 -2.31
#